data_1PSO
#
_entry.id   1PSO
#
_cell.length_a   72.068
_cell.length_b   150.972
_cell.length_c   40.854
_cell.angle_alpha   90.00
_cell.angle_beta   90.00
_cell.angle_gamma   90.00
#
_symmetry.space_group_name_H-M   'P 21 21 21'
#
loop_
_entity.id
_entity.type
_entity.pdbx_description
1 polymer 'PEPSIN 3A'
2 polymer PEPSTATIN
3 water water
#
loop_
_entity_poly.entity_id
_entity_poly.type
_entity_poly.pdbx_seq_one_letter_code
_entity_poly.pdbx_strand_id
1 'polypeptide(L)'
;VDEQPLENYLDMEYFGTIGIGTPAQDFTVVFDTGSSNLWVPSVYCSSLACTNHNRFNPEDSSTYQSTSETVSITYGTGSM
TGILGYDTVQVGGISDTNQIFGLSETEPGSFLYYAPFDGILGLAYPSISSSGATPVFDNIWNQGLVSQDLFSVYLSADDQ
SGSVVIFGGIDSSYYTGSLNWVPVTVEGYWQITVDSITMNGEAIACAEGCQAIVDTGTSLLTGPTSPIANIQSDIGASEN
SDGDMVVSCSAISSLPDIVFTINGVQYPVPPSAYILQSEGSCISGFQGMNLPTESGELWILGDVFIRQYFTVFDRANNQV
GLAPVA
;
E
2 'polypeptide(L)' (IVA)VV(STA)A(STA) I
#
loop_
_chem_comp.id
_chem_comp.type
_chem_comp.name
_chem_comp.formula
IVA non-polymer 'ISOVALERIC ACID' 'C5 H10 O2'
STA peptide-like STATINE 'C8 H17 N O3'
#
# COMPACT_ATOMS: atom_id res chain seq x y z
N VAL A 1 11.72 -5.18 -19.71
CA VAL A 1 11.18 -4.64 -18.44
C VAL A 1 9.70 -4.99 -18.21
N ASP A 2 9.42 -5.29 -16.96
CA ASP A 2 8.22 -6.08 -16.55
C ASP A 2 7.13 -5.29 -15.78
N GLU A 3 6.03 -4.95 -16.46
CA GLU A 3 4.94 -4.16 -15.85
C GLU A 3 3.68 -4.96 -15.46
N GLN A 4 3.13 -4.60 -14.32
CA GLN A 4 1.84 -5.11 -13.84
C GLN A 4 0.83 -3.94 -13.84
N PRO A 5 -0.16 -3.96 -14.75
CA PRO A 5 -1.27 -2.97 -14.72
C PRO A 5 -2.12 -3.20 -13.49
N LEU A 6 -2.54 -2.11 -12.85
CA LEU A 6 -3.37 -2.18 -11.64
C LEU A 6 -4.70 -1.49 -11.96
N GLU A 7 -5.76 -2.05 -11.42
CA GLU A 7 -7.09 -1.44 -11.51
C GLU A 7 -7.22 -0.49 -10.31
N ASN A 8 -7.68 0.71 -10.61
CA ASN A 8 -8.01 1.76 -9.62
C ASN A 8 -9.49 1.67 -9.24
N TYR A 9 -9.75 1.25 -8.01
CA TYR A 9 -11.12 1.23 -7.46
C TYR A 9 -11.40 2.47 -6.55
N LEU A 10 -12.12 3.43 -7.12
CA LEU A 10 -12.65 4.64 -6.44
C LEU A 10 -11.61 5.50 -5.70
N ASP A 11 -10.37 5.49 -6.19
CA ASP A 11 -9.17 6.13 -5.59
C ASP A 11 -8.78 5.61 -4.19
N MET A 12 -9.36 4.46 -3.80
CA MET A 12 -9.20 3.91 -2.43
C MET A 12 -8.34 2.65 -2.37
N GLU A 13 -8.40 1.86 -3.43
CA GLU A 13 -7.73 0.54 -3.52
C GLU A 13 -7.19 0.32 -4.93
N TYR A 14 -6.00 -0.27 -4.97
CA TYR A 14 -5.30 -0.57 -6.23
C TYR A 14 -4.86 -2.03 -6.15
N PHE A 15 -5.36 -2.77 -7.13
CA PHE A 15 -5.11 -4.21 -7.23
C PHE A 15 -4.90 -4.69 -8.67
N GLY A 16 -4.17 -5.78 -8.82
CA GLY A 16 -3.92 -6.38 -10.14
C GLY A 16 -4.18 -7.88 -10.06
N THR A 17 -4.07 -8.53 -11.21
CA THR A 17 -4.34 -9.97 -11.34
C THR A 17 -3.02 -10.75 -11.36
N ILE A 18 -2.90 -11.73 -10.48
CA ILE A 18 -1.77 -12.70 -10.50
C ILE A 18 -2.29 -14.11 -10.84
N GLY A 19 -1.37 -14.96 -11.28
CA GLY A 19 -1.66 -16.39 -11.54
C GLY A 19 -0.86 -17.22 -10.53
N ILE A 20 -1.55 -18.13 -9.84
CA ILE A 20 -0.87 -19.10 -8.93
C ILE A 20 -1.14 -20.53 -9.43
N GLY A 21 -0.09 -21.31 -9.61
CA GLY A 21 -0.20 -22.78 -9.87
C GLY A 21 0.01 -23.17 -11.34
N THR A 22 0.05 -24.47 -11.59
CA THR A 22 0.11 -25.01 -12.98
C THR A 22 -1.07 -25.97 -13.24
N PRO A 23 -2.05 -25.58 -14.08
CA PRO A 23 -2.15 -24.27 -14.77
C PRO A 23 -2.55 -23.14 -13.82
N ALA A 24 -2.26 -21.90 -14.19
CA ALA A 24 -2.53 -20.71 -13.34
C ALA A 24 -4.01 -20.54 -12.99
N GLN A 25 -4.27 -20.47 -11.69
CA GLN A 25 -5.57 -19.98 -11.18
C GLN A 25 -5.35 -18.47 -10.93
N ASP A 26 -6.28 -17.65 -11.41
CA ASP A 26 -6.16 -16.17 -11.37
C ASP A 26 -6.81 -15.59 -10.11
N PHE A 27 -6.15 -14.62 -9.49
CA PHE A 27 -6.63 -13.89 -8.30
C PHE A 27 -6.34 -12.40 -8.48
N THR A 28 -7.13 -11.55 -7.89
CA THR A 28 -6.78 -10.12 -7.77
C THR A 28 -6.21 -9.80 -6.37
N VAL A 29 -5.03 -9.18 -6.34
CA VAL A 29 -4.32 -8.91 -5.08
C VAL A 29 -3.97 -7.41 -4.93
N VAL A 30 -4.14 -6.80 -3.75
CA VAL A 30 -3.61 -5.44 -3.52
C VAL A 30 -2.09 -5.56 -3.51
N PHE A 31 -1.41 -4.72 -4.28
CA PHE A 31 0.05 -4.63 -4.23
C PHE A 31 0.38 -3.63 -3.14
N ASP A 32 0.79 -4.22 -2.03
CA ASP A 32 0.83 -3.51 -0.74
C ASP A 32 2.25 -3.27 -0.24
N THR A 33 2.72 -2.02 -0.26
CA THR A 33 4.07 -1.75 0.28
C THR A 33 4.09 -1.70 1.79
N GLY A 34 2.93 -1.85 2.45
CA GLY A 34 2.84 -1.83 3.92
C GLY A 34 2.79 -3.20 4.63
N SER A 35 2.99 -4.28 3.88
CA SER A 35 3.04 -5.67 4.36
C SER A 35 3.97 -6.47 3.45
N SER A 36 4.38 -7.63 3.94
CA SER A 36 5.34 -8.46 3.22
C SER A 36 4.89 -9.85 2.82
N ASN A 37 3.69 -10.27 3.22
CA ASN A 37 3.19 -11.62 2.87
C ASN A 37 2.36 -11.57 1.61
N LEU A 38 2.38 -12.71 0.93
CA LEU A 38 1.42 -12.98 -0.13
C LEU A 38 0.45 -14.00 0.43
N TRP A 39 -0.83 -13.74 0.24
CA TRP A 39 -1.84 -14.77 0.52
C TRP A 39 -3.06 -14.58 -0.40
N VAL A 40 -3.78 -15.65 -0.64
CA VAL A 40 -5.06 -15.63 -1.38
C VAL A 40 -6.06 -16.55 -0.63
N PRO A 41 -7.37 -16.44 -0.88
CA PRO A 41 -8.36 -17.37 -0.31
C PRO A 41 -8.13 -18.78 -0.86
N SER A 42 -8.39 -19.80 -0.03
CA SER A 42 -8.34 -21.20 -0.47
C SER A 42 -9.62 -22.00 -0.10
N VAL A 43 -9.70 -23.21 -0.68
CA VAL A 43 -10.80 -24.18 -0.42
C VAL A 43 -10.93 -24.64 1.05
N TYR A 44 -9.86 -24.41 1.80
CA TYR A 44 -9.83 -24.66 3.26
C TYR A 44 -10.62 -23.60 4.04
N CYS A 45 -11.06 -22.55 3.34
CA CYS A 45 -11.71 -21.42 4.01
C CYS A 45 -13.21 -21.40 3.73
N SER A 46 -13.90 -21.30 4.86
CA SER A 46 -15.37 -21.26 4.91
C SER A 46 -15.97 -19.98 5.52
N SER A 47 -15.11 -18.99 5.73
CA SER A 47 -15.57 -17.65 6.16
C SER A 47 -16.41 -17.05 5.04
N LEU A 48 -17.32 -16.15 5.40
CA LEU A 48 -18.12 -15.37 4.44
C LEU A 48 -17.31 -14.78 3.25
N ALA A 49 -16.20 -14.10 3.52
CA ALA A 49 -15.32 -13.51 2.46
C ALA A 49 -14.71 -14.54 1.50
N CYS A 50 -14.49 -15.76 1.97
CA CYS A 50 -13.98 -16.86 1.13
C CYS A 50 -15.04 -17.39 0.16
N THR A 51 -16.33 -17.25 0.50
CA THR A 51 -17.45 -17.76 -0.34
C THR A 51 -17.79 -16.90 -1.59
N ASN A 52 -17.32 -15.66 -1.61
CA ASN A 52 -17.58 -14.72 -2.73
C ASN A 52 -16.33 -14.12 -3.42
N HIS A 53 -15.18 -14.75 -3.17
CA HIS A 53 -13.90 -14.43 -3.80
C HIS A 53 -13.34 -15.72 -4.38
N ASN A 54 -12.41 -15.61 -5.32
CA ASN A 54 -11.73 -16.80 -5.89
C ASN A 54 -10.95 -17.53 -4.79
N ARG A 55 -10.90 -18.85 -4.91
CA ARG A 55 -10.35 -19.73 -3.87
C ARG A 55 -9.32 -20.63 -4.57
N PHE A 56 -8.08 -20.58 -4.08
CA PHE A 56 -7.00 -21.48 -4.54
C PHE A 56 -7.37 -22.92 -4.19
N ASN A 57 -7.39 -23.75 -5.22
CA ASN A 57 -7.57 -25.21 -5.02
C ASN A 57 -6.24 -25.94 -5.24
N PRO A 58 -5.51 -26.35 -4.18
CA PRO A 58 -4.18 -26.97 -4.32
C PRO A 58 -4.15 -28.31 -5.06
N GLU A 59 -5.26 -29.04 -5.06
CA GLU A 59 -5.51 -30.31 -5.79
C GLU A 59 -5.36 -30.16 -7.33
N ASP A 60 -5.69 -28.98 -7.82
CA ASP A 60 -5.68 -28.67 -9.26
C ASP A 60 -4.32 -28.15 -9.78
N SER A 61 -3.30 -28.04 -8.94
CA SER A 61 -2.00 -27.51 -9.40
C SER A 61 -0.94 -28.63 -9.42
N SER A 62 -0.23 -28.82 -10.53
CA SER A 62 0.82 -29.85 -10.59
C SER A 62 2.14 -29.48 -9.90
N THR A 63 2.25 -28.19 -9.54
CA THR A 63 3.48 -27.62 -8.95
C THR A 63 3.35 -27.20 -7.48
N TYR A 64 2.23 -27.55 -6.86
CA TYR A 64 1.99 -27.25 -5.44
C TYR A 64 2.76 -28.19 -4.50
N GLN A 65 3.45 -27.57 -3.57
CA GLN A 65 4.13 -28.24 -2.46
C GLN A 65 3.58 -27.71 -1.13
N SER A 66 3.05 -28.62 -0.31
CA SER A 66 2.54 -28.31 1.04
C SER A 66 3.60 -28.23 2.14
N THR A 67 3.21 -27.47 3.15
CA THR A 67 3.98 -27.38 4.39
C THR A 67 2.99 -27.72 5.53
N SER A 68 3.56 -27.91 6.70
CA SER A 68 2.82 -28.07 7.96
C SER A 68 2.88 -26.77 8.80
N GLU A 69 3.16 -25.62 8.19
CA GLU A 69 3.23 -24.33 8.91
C GLU A 69 2.09 -23.38 8.56
N THR A 70 1.72 -22.59 9.56
CA THR A 70 0.60 -21.66 9.42
C THR A 70 1.09 -20.21 9.49
N VAL A 71 0.20 -19.36 9.01
CA VAL A 71 0.45 -17.90 9.01
C VAL A 71 -0.79 -17.22 9.60
N SER A 72 -0.57 -16.21 10.44
CA SER A 72 -1.65 -15.29 10.86
C SER A 72 -1.19 -13.84 10.61
N ILE A 73 -2.02 -13.01 9.98
CA ILE A 73 -1.65 -11.62 9.62
C ILE A 73 -2.78 -10.68 10.07
N THR A 74 -2.46 -9.69 10.89
CA THR A 74 -3.41 -8.61 11.22
C THR A 74 -3.02 -7.30 10.51
N TYR A 75 -3.99 -6.76 9.79
CA TYR A 75 -3.88 -5.46 9.08
C TYR A 75 -4.63 -4.36 9.84
N GLY A 76 -4.40 -3.11 9.48
CA GLY A 76 -5.23 -2.00 10.00
C GLY A 76 -6.71 -2.27 9.66
N THR A 77 -6.94 -2.79 8.45
CA THR A 77 -8.29 -3.20 8.04
C THR A 77 -8.26 -4.64 7.52
N GLY A 78 -8.82 -5.56 8.31
CA GLY A 78 -8.86 -6.99 7.93
C GLY A 78 -7.79 -7.84 8.62
N SER A 79 -7.97 -9.14 8.53
CA SER A 79 -7.05 -10.13 9.14
C SER A 79 -7.33 -11.50 8.53
N MET A 80 -6.33 -12.35 8.61
CA MET A 80 -6.49 -13.72 8.10
C MET A 80 -5.67 -14.72 8.91
N THR A 81 -6.07 -15.99 8.83
CA THR A 81 -5.17 -17.09 9.22
C THR A 81 -5.13 -18.07 8.04
N GLY A 82 -4.00 -18.72 7.86
CA GLY A 82 -3.87 -19.69 6.77
C GLY A 82 -2.81 -20.75 7.02
N ILE A 83 -2.61 -21.54 5.98
CA ILE A 83 -1.48 -22.46 5.91
C ILE A 83 -0.59 -22.03 4.75
N LEU A 84 0.70 -22.19 5.00
CA LEU A 84 1.74 -21.83 4.05
C LEU A 84 1.90 -23.00 3.09
N GLY A 85 2.02 -22.67 1.80
CA GLY A 85 2.28 -23.61 0.70
C GLY A 85 3.27 -22.99 -0.27
N TYR A 86 3.85 -23.80 -1.15
CA TYR A 86 4.75 -23.32 -2.23
C TYR A 86 4.12 -23.58 -3.59
N ASP A 87 4.17 -22.57 -4.45
CA ASP A 87 3.79 -22.73 -5.87
C ASP A 87 4.44 -21.64 -6.73
N THR A 88 4.29 -21.75 -8.05
CA THR A 88 4.66 -20.73 -9.04
C THR A 88 3.62 -19.61 -9.05
N VAL A 89 4.10 -18.39 -8.89
CA VAL A 89 3.26 -17.18 -8.97
C VAL A 89 3.67 -16.37 -10.21
N GLN A 90 2.72 -16.11 -11.08
CA GLN A 90 2.94 -15.27 -12.29
C GLN A 90 2.53 -13.82 -12.00
N VAL A 91 3.55 -12.99 -11.87
CA VAL A 91 3.37 -11.58 -11.48
C VAL A 91 4.24 -10.70 -12.36
N GLY A 92 3.57 -9.78 -13.06
CA GLY A 92 4.18 -8.77 -13.93
C GLY A 92 5.07 -9.33 -15.05
N GLY A 93 4.59 -10.38 -15.71
CA GLY A 93 5.33 -11.19 -16.69
C GLY A 93 6.50 -12.03 -16.15
N ILE A 94 6.66 -12.08 -14.83
CA ILE A 94 7.71 -12.91 -14.20
C ILE A 94 7.06 -14.19 -13.63
N SER A 95 7.64 -15.32 -14.01
CA SER A 95 7.30 -16.65 -13.44
C SER A 95 8.12 -16.89 -12.16
N ASP A 96 7.56 -16.48 -11.02
CA ASP A 96 8.22 -16.57 -9.71
C ASP A 96 7.98 -17.95 -9.11
N THR A 97 8.89 -18.85 -9.49
CA THR A 97 8.89 -20.25 -9.04
C THR A 97 9.29 -20.41 -7.57
N ASN A 98 8.72 -21.45 -6.99
CA ASN A 98 8.95 -21.86 -5.59
C ASN A 98 8.68 -20.70 -4.58
N GLN A 99 7.51 -20.10 -4.75
CA GLN A 99 7.05 -18.99 -3.91
C GLN A 99 6.19 -19.56 -2.79
N ILE A 100 6.61 -19.20 -1.57
CA ILE A 100 5.82 -19.47 -0.36
C ILE A 100 4.71 -18.40 -0.28
N PHE A 101 3.49 -18.88 -0.13
CA PHE A 101 2.32 -18.02 0.08
C PHE A 101 1.35 -18.67 1.05
N GLY A 102 0.47 -17.85 1.61
CA GLY A 102 -0.61 -18.32 2.48
C GLY A 102 -1.90 -18.63 1.73
N LEU A 103 -2.47 -19.78 2.09
CA LEU A 103 -3.79 -20.20 1.61
C LEU A 103 -4.76 -19.97 2.78
N SER A 104 -5.74 -19.07 2.64
CA SER A 104 -6.52 -18.70 3.84
C SER A 104 -7.39 -19.83 4.38
N GLU A 105 -7.42 -19.88 5.71
CA GLU A 105 -8.30 -20.75 6.49
C GLU A 105 -9.46 -19.95 7.05
N THR A 106 -9.18 -18.81 7.68
CA THR A 106 -10.25 -17.88 8.12
C THR A 106 -9.92 -16.45 7.66
N GLU A 107 -10.97 -15.78 7.24
CA GLU A 107 -10.94 -14.35 6.92
C GLU A 107 -12.14 -13.72 7.65
N PRO A 108 -12.01 -13.43 8.95
CA PRO A 108 -13.15 -12.95 9.75
C PRO A 108 -13.54 -11.49 9.46
N GLY A 109 -14.84 -11.22 9.49
CA GLY A 109 -15.37 -9.84 9.46
C GLY A 109 -16.00 -9.46 8.11
N SER A 110 -16.56 -8.26 8.09
CA SER A 110 -17.27 -7.72 6.92
C SER A 110 -16.34 -7.00 5.90
N PHE A 111 -15.20 -6.50 6.37
CA PHE A 111 -14.27 -5.74 5.50
C PHE A 111 -13.82 -6.55 4.28
N LEU A 112 -13.33 -7.78 4.51
CA LEU A 112 -12.83 -8.61 3.40
C LEU A 112 -14.01 -9.14 2.55
N TYR A 113 -15.23 -9.19 3.10
CA TYR A 113 -16.46 -9.63 2.39
C TYR A 113 -16.83 -8.66 1.25
N TYR A 114 -16.83 -7.37 1.57
CA TYR A 114 -17.22 -6.28 0.65
C TYR A 114 -16.10 -5.77 -0.30
N ALA A 115 -14.84 -6.02 0.06
CA ALA A 115 -13.65 -5.70 -0.73
C ALA A 115 -13.64 -6.42 -2.10
N PRO A 116 -13.29 -5.74 -3.19
CA PRO A 116 -13.27 -6.31 -4.56
C PRO A 116 -12.05 -7.19 -4.91
N PHE A 117 -11.03 -7.15 -4.06
CA PHE A 117 -9.79 -7.93 -4.26
C PHE A 117 -9.89 -9.28 -3.50
N ASP A 118 -9.20 -10.31 -3.98
CA ASP A 118 -9.11 -11.64 -3.32
C ASP A 118 -8.07 -11.70 -2.21
N GLY A 119 -6.84 -11.23 -2.46
CA GLY A 119 -5.75 -11.29 -1.46
C GLY A 119 -4.86 -10.05 -1.47
N ILE A 120 -3.70 -10.19 -0.84
CA ILE A 120 -2.70 -9.13 -0.72
C ILE A 120 -1.34 -9.71 -1.12
N LEU A 121 -0.61 -8.92 -1.90
CA LEU A 121 0.79 -9.19 -2.26
C LEU A 121 1.64 -8.08 -1.64
N GLY A 122 2.28 -8.42 -0.54
CA GLY A 122 3.10 -7.47 0.21
C GLY A 122 4.47 -7.25 -0.42
N LEU A 123 4.88 -5.99 -0.44
CA LEU A 123 6.11 -5.53 -1.13
C LEU A 123 7.14 -4.87 -0.20
N ALA A 124 6.96 -5.07 1.10
CA ALA A 124 7.86 -4.52 2.14
C ALA A 124 8.98 -5.52 2.51
N TYR A 125 9.73 -5.21 3.57
CA TYR A 125 10.91 -6.01 3.95
C TYR A 125 10.59 -7.34 4.65
N PRO A 126 11.45 -8.37 4.52
CA PRO A 126 11.29 -9.68 5.17
C PRO A 126 11.15 -9.67 6.69
N SER A 127 11.64 -8.63 7.35
CA SER A 127 11.67 -8.60 8.83
C SER A 127 10.27 -8.44 9.44
N ILE A 128 9.30 -7.97 8.64
CA ILE A 128 7.89 -7.87 9.12
C ILE A 128 6.99 -8.96 8.51
N SER A 129 7.59 -9.95 7.83
CA SER A 129 6.80 -11.03 7.20
C SER A 129 6.36 -12.04 8.27
N SER A 130 5.05 -12.24 8.37
CA SER A 130 4.48 -13.22 9.31
C SER A 130 4.98 -14.60 8.92
N SER A 131 5.31 -15.35 9.97
CA SER A 131 5.98 -16.68 9.93
C SER A 131 7.31 -16.72 9.14
N GLY A 132 7.92 -15.54 9.01
CA GLY A 132 9.18 -15.33 8.27
C GLY A 132 9.07 -15.81 6.81
N ALA A 133 7.89 -15.74 6.20
CA ALA A 133 7.67 -16.26 4.83
C ALA A 133 8.34 -15.30 3.81
N THR A 134 9.18 -15.83 2.92
CA THR A 134 9.86 -15.04 1.85
C THR A 134 8.86 -14.19 1.04
N PRO A 135 8.99 -12.86 1.03
CA PRO A 135 8.10 -11.98 0.24
C PRO A 135 8.32 -12.25 -1.26
N VAL A 136 7.36 -11.94 -2.10
CA VAL A 136 7.46 -12.12 -3.57
C VAL A 136 8.70 -11.45 -4.18
N PHE A 137 8.90 -10.17 -3.90
CA PHE A 137 10.01 -9.45 -4.55
C PHE A 137 11.37 -9.97 -4.09
N ASP A 138 11.47 -10.39 -2.83
CA ASP A 138 12.70 -11.06 -2.34
C ASP A 138 12.99 -12.36 -3.10
N ASN A 139 11.93 -13.13 -3.39
CA ASN A 139 12.09 -14.44 -4.04
C ASN A 139 12.44 -14.24 -5.53
N ILE A 140 11.86 -13.20 -6.16
CA ILE A 140 12.17 -12.77 -7.56
C ILE A 140 13.65 -12.34 -7.69
N TRP A 141 14.11 -11.47 -6.81
CA TRP A 141 15.54 -11.07 -6.77
C TRP A 141 16.50 -12.24 -6.50
N ASN A 142 16.25 -13.05 -5.47
CA ASN A 142 17.09 -14.22 -5.10
C ASN A 142 17.27 -15.25 -6.23
N GLN A 143 16.22 -15.40 -7.05
CA GLN A 143 16.27 -16.28 -8.24
C GLN A 143 16.86 -15.63 -9.51
N GLY A 144 17.34 -14.39 -9.42
CA GLY A 144 17.90 -13.60 -10.53
C GLY A 144 16.92 -13.34 -11.66
N LEU A 145 15.65 -13.16 -11.32
CA LEU A 145 14.59 -12.96 -12.35
C LEU A 145 14.47 -11.50 -12.84
N VAL A 146 15.05 -10.56 -12.09
CA VAL A 146 15.22 -9.16 -12.52
C VAL A 146 16.71 -8.82 -12.38
N SER A 147 17.06 -7.67 -12.96
CA SER A 147 18.46 -7.16 -12.98
C SER A 147 18.66 -6.00 -12.03
N GLN A 148 17.60 -5.21 -11.90
CA GLN A 148 17.60 -4.10 -10.92
C GLN A 148 16.70 -4.48 -9.72
N ASP A 149 17.30 -4.39 -8.55
CA ASP A 149 16.66 -4.78 -7.26
C ASP A 149 15.77 -3.64 -6.75
N LEU A 150 14.84 -3.26 -7.60
CA LEU A 150 13.88 -2.20 -7.32
C LEU A 150 12.60 -2.45 -8.10
N PHE A 151 11.57 -1.79 -7.60
CA PHE A 151 10.31 -1.67 -8.31
C PHE A 151 9.76 -0.24 -8.17
N SER A 152 8.86 0.13 -9.05
CA SER A 152 8.32 1.48 -9.02
C SER A 152 6.83 1.49 -9.30
N VAL A 153 6.17 2.46 -8.67
CA VAL A 153 4.70 2.52 -8.67
C VAL A 153 4.28 3.88 -9.20
N TYR A 154 3.30 3.78 -10.08
CA TYR A 154 2.49 4.92 -10.53
C TYR A 154 1.03 4.60 -10.23
N LEU A 155 0.38 5.43 -9.43
CA LEU A 155 -1.04 5.26 -9.11
C LEU A 155 -1.81 6.40 -9.79
N SER A 156 -2.78 6.03 -10.59
CA SER A 156 -3.63 6.98 -11.32
C SER A 156 -4.62 7.70 -10.40
N ALA A 157 -5.15 8.80 -10.88
CA ALA A 157 -6.17 9.59 -10.15
C ALA A 157 -7.52 9.46 -10.87
N ASP A 158 -8.58 9.91 -10.19
CA ASP A 158 -9.95 10.02 -10.76
C ASP A 158 -10.49 8.75 -11.46
N ASP A 159 -10.32 7.58 -10.83
CA ASP A 159 -10.75 6.28 -11.38
C ASP A 159 -10.20 5.87 -12.76
N GLN A 160 -9.13 6.53 -13.19
CA GLN A 160 -8.56 6.27 -14.52
C GLN A 160 -7.71 4.98 -14.62
N SER A 161 -7.64 4.39 -15.82
CA SER A 161 -6.65 3.35 -16.14
C SER A 161 -5.24 3.96 -16.09
N GLY A 162 -4.25 3.09 -16.04
CA GLY A 162 -2.86 3.49 -16.20
C GLY A 162 -2.01 3.17 -15.00
N SER A 163 -2.59 2.93 -13.81
CA SER A 163 -1.72 2.58 -12.66
C SER A 163 -0.89 1.35 -13.01
N VAL A 164 0.36 1.34 -12.57
CA VAL A 164 1.33 0.26 -12.85
C VAL A 164 2.27 0.09 -11.67
N VAL A 165 2.65 -1.17 -11.46
CA VAL A 165 3.89 -1.48 -10.70
C VAL A 165 4.88 -1.94 -11.76
N ILE A 166 6.09 -1.39 -11.71
CA ILE A 166 7.15 -1.80 -12.65
C ILE A 166 8.19 -2.56 -11.83
N PHE A 167 8.33 -3.84 -12.10
CA PHE A 167 9.34 -4.70 -11.42
C PHE A 167 10.65 -4.67 -12.20
N GLY A 168 11.69 -4.34 -11.45
CA GLY A 168 13.07 -4.24 -11.93
C GLY A 168 13.36 -3.08 -12.88
N GLY A 169 12.65 -1.97 -12.75
CA GLY A 169 12.89 -0.82 -13.63
C GLY A 169 12.06 0.40 -13.29
N ILE A 170 12.53 1.48 -13.88
CA ILE A 170 11.91 2.81 -13.80
C ILE A 170 11.43 3.14 -15.22
N ASP A 171 10.36 3.90 -15.28
CA ASP A 171 9.96 4.50 -16.56
C ASP A 171 9.84 6.02 -16.36
N SER A 172 10.82 6.75 -16.88
CA SER A 172 10.89 8.23 -16.75
C SER A 172 9.77 9.00 -17.43
N SER A 173 9.00 8.32 -18.27
CA SER A 173 7.73 8.81 -18.86
C SER A 173 6.72 9.30 -17.82
N TYR A 174 6.76 8.70 -16.62
CA TYR A 174 5.76 8.89 -15.55
C TYR A 174 5.95 10.11 -14.63
N TYR A 175 7.16 10.66 -14.64
CA TYR A 175 7.54 11.77 -13.74
C TYR A 175 8.25 12.93 -14.43
N THR A 176 8.28 14.07 -13.76
CA THR A 176 8.96 15.28 -14.26
C THR A 176 10.12 15.65 -13.36
N GLY A 177 11.21 16.02 -14.02
CA GLY A 177 12.47 16.36 -13.35
C GLY A 177 13.26 15.08 -13.07
N SER A 178 14.05 15.15 -12.00
CA SER A 178 14.86 14.02 -11.52
C SER A 178 14.32 13.53 -10.17
N LEU A 179 14.54 12.24 -9.96
CA LEU A 179 14.22 11.52 -8.71
C LEU A 179 15.07 12.09 -7.58
N ASN A 180 14.37 12.40 -6.51
CA ASN A 180 15.03 12.67 -5.20
C ASN A 180 14.97 11.36 -4.39
N TRP A 181 16.10 11.04 -3.80
CA TRP A 181 16.32 9.78 -3.06
C TRP A 181 16.34 10.03 -1.55
N VAL A 182 15.57 9.23 -0.83
CA VAL A 182 15.37 9.35 0.65
C VAL A 182 15.84 8.02 1.30
N PRO A 183 16.80 8.04 2.24
CA PRO A 183 17.23 6.82 2.93
C PRO A 183 16.11 6.22 3.78
N VAL A 184 15.94 4.90 3.71
CA VAL A 184 15.07 4.16 4.65
C VAL A 184 15.80 4.17 6.01
N THR A 185 15.02 4.55 7.02
CA THR A 185 15.51 4.67 8.41
C THR A 185 15.46 3.32 9.13
N VAL A 186 14.34 2.63 9.00
CA VAL A 186 14.20 1.28 9.61
C VAL A 186 13.70 0.36 8.50
N GLU A 187 14.38 -0.78 8.34
CA GLU A 187 14.09 -1.75 7.28
C GLU A 187 13.06 -2.80 7.75
N GLY A 188 11.79 -2.46 7.51
CA GLY A 188 10.58 -3.25 7.84
C GLY A 188 9.45 -2.88 6.88
N TYR A 189 8.80 -1.79 7.22
CA TYR A 189 7.99 -1.03 6.25
C TYR A 189 8.98 -0.23 5.34
N TRP A 190 8.49 0.46 4.32
CA TRP A 190 9.34 1.47 3.66
C TRP A 190 9.26 2.77 4.46
N GLN A 191 10.09 2.82 5.49
CA GLN A 191 10.05 3.88 6.51
C GLN A 191 11.12 4.96 6.28
N ILE A 192 10.68 6.21 6.34
CA ILE A 192 11.50 7.41 6.08
C ILE A 192 11.26 8.45 7.19
N THR A 193 12.09 9.48 7.27
CA THR A 193 11.87 10.62 8.16
C THR A 193 11.14 11.69 7.35
N VAL A 194 10.11 12.27 7.93
CA VAL A 194 9.47 13.48 7.39
C VAL A 194 9.98 14.62 8.29
N ASP A 195 10.65 15.57 7.66
CA ASP A 195 11.31 16.66 8.42
C ASP A 195 10.30 17.56 9.11
N SER A 196 9.19 17.81 8.42
CA SER A 196 8.10 18.63 8.96
C SER A 196 6.90 18.61 8.01
N ILE A 197 5.74 18.96 8.60
CA ILE A 197 4.50 19.17 7.87
C ILE A 197 4.06 20.64 8.06
N THR A 198 4.06 21.39 6.97
CA THR A 198 3.71 22.82 7.05
C THR A 198 2.51 23.24 6.20
N MET A 199 1.92 24.37 6.60
CA MET A 199 0.86 25.10 5.87
C MET A 199 1.09 26.62 6.04
N ASN A 200 1.24 27.37 4.95
CA ASN A 200 1.50 28.83 5.03
C ASN A 200 2.75 29.22 5.86
N GLY A 201 3.80 28.42 5.68
CA GLY A 201 5.09 28.55 6.39
C GLY A 201 5.08 28.27 7.90
N GLU A 202 3.99 27.73 8.45
CA GLU A 202 3.90 27.26 9.86
C GLU A 202 3.75 25.72 9.95
N ALA A 203 4.59 25.08 10.77
CA ALA A 203 4.46 23.65 11.15
C ALA A 203 3.12 23.39 11.88
N ILE A 204 2.29 22.60 11.21
CA ILE A 204 0.99 22.14 11.75
C ILE A 204 1.08 20.79 12.49
N ALA A 205 2.13 20.03 12.19
CA ALA A 205 2.46 18.75 12.85
C ALA A 205 3.93 18.44 12.57
N CYS A 206 4.54 17.59 13.41
CA CYS A 206 5.86 17.00 13.12
C CYS A 206 6.93 18.10 12.92
N ALA A 207 6.83 19.14 13.74
CA ALA A 207 7.72 20.32 13.78
C ALA A 207 9.22 20.04 13.88
N GLU A 208 9.57 18.93 14.53
CA GLU A 208 10.98 18.49 14.66
C GLU A 208 11.17 17.08 14.12
N GLY A 209 10.48 16.80 13.02
CA GLY A 209 10.59 15.48 12.40
C GLY A 209 9.74 14.40 13.08
N CYS A 210 9.37 13.46 12.20
CA CYS A 210 8.55 12.28 12.53
C CYS A 210 8.85 11.15 11.54
N GLN A 211 8.47 9.92 11.91
CA GLN A 211 8.66 8.71 11.08
C GLN A 211 7.37 8.39 10.32
N ALA A 212 7.56 8.15 9.03
CA ALA A 212 6.44 7.88 8.13
C ALA A 212 6.77 6.64 7.28
N ILE A 213 5.73 5.93 6.88
CA ILE A 213 5.90 4.80 5.94
C ILE A 213 5.24 5.17 4.60
N VAL A 214 5.79 4.65 3.52
CA VAL A 214 5.19 4.91 2.19
C VAL A 214 4.42 3.64 1.84
N ASP A 215 3.10 3.79 1.79
CA ASP A 215 2.20 2.61 1.77
C ASP A 215 1.13 2.71 0.72
N THR A 216 1.37 1.95 -0.35
CA THR A 216 0.40 1.86 -1.47
C THR A 216 -0.92 1.23 -1.02
N GLY A 217 -0.87 0.44 0.05
CA GLY A 217 -2.08 -0.23 0.57
C GLY A 217 -2.81 0.56 1.65
N THR A 218 -2.55 1.86 1.83
CA THR A 218 -3.36 2.69 2.73
C THR A 218 -3.99 3.78 1.88
N SER A 219 -5.31 3.94 1.97
CA SER A 219 -6.04 4.89 1.10
C SER A 219 -5.68 6.37 1.39
N LEU A 220 -5.62 6.74 2.67
CA LEU A 220 -5.57 8.13 3.15
C LEU A 220 -4.20 8.52 3.73
N LEU A 221 -4.04 9.77 4.15
CA LEU A 221 -2.85 10.24 4.90
C LEU A 221 -3.18 9.96 6.37
N THR A 222 -2.35 9.17 6.99
CA THR A 222 -2.64 8.69 8.36
C THR A 222 -1.55 9.21 9.30
N GLY A 223 -1.97 9.58 10.50
CA GLY A 223 -0.98 9.92 11.56
C GLY A 223 -1.58 9.74 12.95
N PRO A 224 -0.79 9.98 14.01
CA PRO A 224 -1.28 9.90 15.41
C PRO A 224 -2.53 10.78 15.58
N THR A 225 -3.46 10.33 16.43
CA THR A 225 -4.78 10.99 16.64
C THR A 225 -4.73 12.46 17.05
N SER A 226 -3.80 12.82 17.93
CA SER A 226 -3.65 14.22 18.41
C SER A 226 -3.15 15.21 17.33
N PRO A 227 -2.03 15.02 16.61
CA PRO A 227 -1.67 15.93 15.49
C PRO A 227 -2.71 15.93 14.37
N ILE A 228 -3.30 14.77 14.05
CA ILE A 228 -4.38 14.72 13.06
C ILE A 228 -5.60 15.56 13.47
N ALA A 229 -5.99 15.54 14.74
CA ALA A 229 -7.10 16.41 15.21
C ALA A 229 -6.79 17.90 14.99
N ASN A 230 -5.52 18.30 15.19
CA ASN A 230 -5.01 19.65 14.84
C ASN A 230 -5.11 19.98 13.34
N ILE A 231 -4.65 19.06 12.48
CA ILE A 231 -4.80 19.21 11.00
C ILE A 231 -6.28 19.36 10.57
N GLN A 232 -7.18 18.55 11.14
CA GLN A 232 -8.62 18.64 10.83
C GLN A 232 -9.20 20.03 11.14
N SER A 233 -8.86 20.59 12.30
CA SER A 233 -9.23 22.00 12.66
C SER A 233 -8.68 23.03 11.66
N ASP A 234 -7.44 22.83 11.23
CA ASP A 234 -6.76 23.75 10.29
C ASP A 234 -7.38 23.78 8.89
N ILE A 235 -7.88 22.63 8.41
CA ILE A 235 -8.51 22.56 7.07
C ILE A 235 -10.05 22.75 7.08
N GLY A 236 -10.59 23.03 8.27
CA GLY A 236 -12.02 23.29 8.50
C GLY A 236 -12.96 22.06 8.41
N ALA A 237 -12.47 20.95 8.95
CA ALA A 237 -13.24 19.70 8.92
C ALA A 237 -13.92 19.45 10.27
N SER A 238 -15.19 19.11 10.21
CA SER A 238 -16.01 18.77 11.40
C SER A 238 -16.61 17.37 11.28
N GLU A 239 -16.77 16.68 12.40
CA GLU A 239 -17.33 15.31 12.38
C GLU A 239 -18.85 15.34 12.13
N ASN A 240 -19.24 14.82 10.98
CA ASN A 240 -20.66 14.75 10.57
C ASN A 240 -21.44 13.67 11.35
N SER A 241 -22.75 13.68 11.14
CA SER A 241 -23.75 12.77 11.74
C SER A 241 -23.38 11.28 11.72
N ASP A 242 -22.63 10.87 10.71
CA ASP A 242 -22.26 9.45 10.47
C ASP A 242 -20.77 9.15 10.71
N GLY A 243 -20.09 9.99 11.51
CA GLY A 243 -18.69 9.81 11.93
C GLY A 243 -17.66 10.43 10.97
N ASP A 244 -18.04 10.58 9.71
CA ASP A 244 -17.23 11.14 8.61
C ASP A 244 -16.76 12.57 8.95
N MET A 245 -15.50 12.84 8.64
CA MET A 245 -14.91 14.19 8.77
C MET A 245 -15.10 15.00 7.47
N VAL A 246 -16.08 15.90 7.49
CA VAL A 246 -16.48 16.67 6.29
C VAL A 246 -15.99 18.13 6.32
N VAL A 247 -15.80 18.59 5.11
CA VAL A 247 -15.36 19.94 4.78
C VAL A 247 -16.24 20.39 3.61
N SER A 248 -16.51 21.70 3.55
CA SER A 248 -17.31 22.23 2.44
C SER A 248 -16.58 22.05 1.11
N CYS A 249 -17.28 21.55 0.10
CA CYS A 249 -16.69 21.40 -1.24
C CYS A 249 -16.22 22.71 -1.88
N SER A 250 -16.94 23.80 -1.61
CA SER A 250 -16.59 25.14 -2.12
C SER A 250 -15.18 25.57 -1.67
N ALA A 251 -14.81 25.14 -0.47
CA ALA A 251 -13.56 25.51 0.23
C ALA A 251 -12.24 25.01 -0.41
N ILE A 252 -12.28 24.04 -1.33
CA ILE A 252 -11.06 23.54 -2.05
C ILE A 252 -10.35 24.74 -2.72
N SER A 253 -11.15 25.64 -3.29
CA SER A 253 -10.72 26.89 -3.98
C SER A 253 -9.87 27.86 -3.14
N SER A 254 -10.02 27.81 -1.81
CA SER A 254 -9.38 28.76 -0.88
C SER A 254 -8.44 28.16 0.18
N LEU A 255 -8.17 26.86 0.12
CA LEU A 255 -7.25 26.23 1.08
C LEU A 255 -5.82 26.19 0.53
N PRO A 256 -4.79 26.30 1.39
CA PRO A 256 -3.39 26.22 0.93
C PRO A 256 -2.93 24.76 0.89
N ASP A 257 -1.81 24.55 0.20
CA ASP A 257 -1.12 23.26 0.14
C ASP A 257 -0.64 22.91 1.54
N ILE A 258 -0.69 21.63 1.82
CA ILE A 258 0.03 21.06 2.98
C ILE A 258 1.32 20.46 2.42
N VAL A 259 2.43 20.88 3.00
CA VAL A 259 3.75 20.50 2.49
C VAL A 259 4.41 19.52 3.48
N PHE A 260 4.76 18.37 2.93
CA PHE A 260 5.65 17.40 3.59
C PHE A 260 7.07 17.71 3.14
N THR A 261 7.92 18.15 4.06
CA THR A 261 9.35 18.28 3.75
C THR A 261 10.07 16.97 4.06
N ILE A 262 10.65 16.38 3.03
CA ILE A 262 11.34 15.10 3.18
C ILE A 262 12.75 15.26 2.59
N ASN A 263 13.75 14.91 3.40
CA ASN A 263 15.20 15.15 3.18
C ASN A 263 15.59 16.54 2.62
N GLY A 264 14.96 17.55 3.22
CA GLY A 264 15.14 18.97 2.87
C GLY A 264 14.47 19.38 1.56
N VAL A 265 13.66 18.49 0.97
CA VAL A 265 12.87 18.79 -0.24
C VAL A 265 11.38 18.87 0.09
N GLN A 266 10.78 19.93 -0.44
CA GLN A 266 9.33 20.17 -0.30
C GLN A 266 8.46 19.36 -1.24
N TYR A 267 7.51 18.61 -0.64
CA TYR A 267 6.48 17.82 -1.37
C TYR A 267 5.05 18.31 -1.04
N PRO A 268 4.56 19.31 -1.78
CA PRO A 268 3.22 19.87 -1.54
C PRO A 268 2.12 18.90 -1.94
N VAL A 269 1.10 18.82 -1.11
CA VAL A 269 -0.11 18.08 -1.47
C VAL A 269 -1.19 19.16 -1.57
N PRO A 270 -1.75 19.40 -2.77
CA PRO A 270 -2.84 20.40 -2.97
C PRO A 270 -4.17 20.02 -2.30
N PRO A 271 -5.06 20.97 -1.98
CA PRO A 271 -6.42 20.69 -1.46
C PRO A 271 -7.33 19.85 -2.36
N SER A 272 -7.09 19.88 -3.66
CA SER A 272 -7.80 18.99 -4.61
C SER A 272 -7.31 17.52 -4.52
N ALA A 273 -6.16 17.27 -3.88
CA ALA A 273 -5.71 15.90 -3.53
C ALA A 273 -6.07 15.48 -2.09
N TYR A 274 -5.95 16.39 -1.13
CA TYR A 274 -6.17 16.04 0.28
C TYR A 274 -7.61 16.16 0.78
N ILE A 275 -8.50 16.76 -0.02
CA ILE A 275 -9.97 16.72 0.17
C ILE A 275 -10.50 15.80 -0.93
N LEU A 276 -11.20 14.76 -0.51
CA LEU A 276 -11.73 13.74 -1.45
C LEU A 276 -13.22 13.99 -1.77
N GLN A 277 -13.59 13.79 -3.04
CA GLN A 277 -14.98 13.82 -3.52
C GLN A 277 -15.59 12.42 -3.32
N SER A 278 -16.53 12.32 -2.38
CA SER A 278 -17.14 11.02 -2.00
C SER A 278 -18.63 11.13 -1.71
N GLU A 279 -19.37 10.23 -2.36
CA GLU A 279 -20.85 10.10 -2.32
C GLU A 279 -21.66 11.42 -2.23
N GLY A 280 -21.18 12.41 -3.00
CA GLY A 280 -21.85 13.74 -3.15
C GLY A 280 -21.28 14.89 -2.32
N SER A 281 -20.61 14.53 -1.24
CA SER A 281 -19.94 15.49 -0.34
C SER A 281 -18.42 15.32 -0.41
N CYS A 282 -17.77 16.32 0.20
CA CYS A 282 -16.30 16.37 0.35
C CYS A 282 -15.81 16.01 1.76
N ILE A 283 -14.88 15.07 1.79
CA ILE A 283 -14.33 14.54 3.06
C ILE A 283 -12.81 14.83 3.19
N SER A 284 -12.33 14.91 4.43
CA SER A 284 -10.88 14.96 4.69
C SER A 284 -10.15 13.65 4.31
N GLY A 285 -9.04 13.83 3.60
CA GLY A 285 -8.10 12.75 3.29
C GLY A 285 -7.10 12.44 4.41
N PHE A 286 -7.34 13.02 5.60
CA PHE A 286 -6.56 12.74 6.80
C PHE A 286 -7.39 11.90 7.77
N GLN A 287 -6.74 10.87 8.28
CA GLN A 287 -7.34 9.88 9.18
C GLN A 287 -6.42 9.71 10.39
N GLY A 288 -7.09 9.59 11.52
CA GLY A 288 -6.43 9.42 12.83
C GLY A 288 -6.27 7.93 13.14
N MET A 289 -5.01 7.53 13.31
CA MET A 289 -4.66 6.17 13.75
C MET A 289 -3.27 6.12 14.41
N ASN A 290 -3.23 5.48 15.57
CA ASN A 290 -1.98 5.26 16.30
C ASN A 290 -1.39 3.86 15.99
N LEU A 291 -0.20 3.86 15.38
CA LEU A 291 0.70 2.72 15.19
C LEU A 291 2.02 3.03 15.94
N PRO A 292 2.16 2.58 17.19
CA PRO A 292 3.42 2.81 17.95
C PRO A 292 4.44 1.73 17.59
N THR A 293 5.68 2.17 17.40
CA THR A 293 6.84 1.27 17.15
C THR A 293 8.05 1.63 18.04
N GLU A 294 9.09 0.81 17.89
CA GLU A 294 10.45 1.09 18.41
C GLU A 294 10.98 2.51 18.11
N SER A 295 10.50 3.09 17.01
CA SER A 295 10.96 4.41 16.52
C SER A 295 9.90 5.54 16.56
N GLY A 296 8.98 5.41 17.52
CA GLY A 296 7.89 6.38 17.75
C GLY A 296 6.56 5.97 17.09
N GLU A 297 5.68 6.96 16.95
CA GLU A 297 4.37 6.74 16.32
C GLU A 297 4.38 7.21 14.86
N LEU A 298 4.03 6.26 14.01
CA LEU A 298 4.11 6.36 12.55
C LEU A 298 2.98 7.19 11.92
N TRP A 299 3.40 7.94 10.92
CA TRP A 299 2.49 8.49 9.90
C TRP A 299 2.47 7.52 8.70
N ILE A 300 1.39 7.54 7.95
CA ILE A 300 1.34 6.76 6.70
C ILE A 300 1.10 7.75 5.55
N LEU A 301 2.04 7.67 4.61
CA LEU A 301 1.94 8.36 3.31
C LEU A 301 1.24 7.41 2.35
N GLY A 302 -0.08 7.40 2.48
CA GLY A 302 -1.00 6.54 1.74
C GLY A 302 -1.19 6.99 0.29
N ASP A 303 -2.27 6.52 -0.31
CA ASP A 303 -2.54 6.74 -1.75
C ASP A 303 -2.75 8.20 -2.13
N VAL A 304 -3.24 9.02 -1.20
CA VAL A 304 -3.36 10.49 -1.41
C VAL A 304 -2.02 11.11 -1.81
N PHE A 305 -0.96 10.71 -1.12
CA PHE A 305 0.41 11.19 -1.38
C PHE A 305 1.01 10.54 -2.64
N ILE A 306 0.89 9.23 -2.80
CA ILE A 306 1.54 8.48 -3.91
C ILE A 306 0.98 8.88 -5.27
N ARG A 307 -0.31 9.22 -5.33
CA ARG A 307 -0.90 9.74 -6.57
C ARG A 307 -0.19 11.00 -7.10
N GLN A 308 0.31 11.81 -6.18
CA GLN A 308 1.01 13.06 -6.50
C GLN A 308 2.46 12.81 -6.87
N TYR A 309 3.04 11.74 -6.33
CA TYR A 309 4.47 11.44 -6.47
C TYR A 309 4.76 10.02 -6.92
N PHE A 310 5.36 9.91 -8.11
CA PHE A 310 5.87 8.62 -8.61
C PHE A 310 6.93 8.13 -7.62
N THR A 311 6.79 6.86 -7.23
CA THR A 311 7.59 6.30 -6.13
C THR A 311 8.36 5.10 -6.62
N VAL A 312 9.64 5.14 -6.28
CA VAL A 312 10.59 4.07 -6.58
C VAL A 312 11.06 3.47 -5.25
N PHE A 313 11.05 2.15 -5.17
CA PHE A 313 11.39 1.46 -3.90
C PHE A 313 12.63 0.62 -4.19
N ASP A 314 13.77 1.14 -3.77
CA ASP A 314 15.06 0.54 -4.13
C ASP A 314 15.60 -0.34 -3.01
N ARG A 315 15.64 -1.64 -3.26
CA ARG A 315 16.16 -2.59 -2.26
C ARG A 315 17.69 -2.75 -2.32
N ALA A 316 18.33 -2.41 -3.43
CA ALA A 316 19.83 -2.48 -3.52
C ALA A 316 20.54 -1.48 -2.59
N ASN A 317 19.97 -0.29 -2.50
CA ASN A 317 20.49 0.83 -1.68
C ASN A 317 19.63 1.23 -0.48
N ASN A 318 18.50 0.56 -0.26
CA ASN A 318 17.57 0.89 0.84
C ASN A 318 17.22 2.39 0.85
N GLN A 319 16.58 2.78 -0.26
CA GLN A 319 16.16 4.16 -0.54
C GLN A 319 14.80 4.13 -1.24
N VAL A 320 14.07 5.21 -1.04
CA VAL A 320 12.82 5.48 -1.77
C VAL A 320 13.12 6.67 -2.69
N GLY A 321 12.69 6.61 -3.92
CA GLY A 321 12.80 7.72 -4.87
C GLY A 321 11.43 8.35 -5.14
N LEU A 322 11.40 9.67 -5.13
CA LEU A 322 10.15 10.43 -5.33
C LEU A 322 10.38 11.50 -6.39
N ALA A 323 9.39 11.59 -7.25
CA ALA A 323 9.31 12.68 -8.23
C ALA A 323 7.86 13.00 -8.60
N PRO A 324 7.52 14.27 -8.85
CA PRO A 324 6.15 14.66 -9.21
C PRO A 324 5.67 13.86 -10.43
N VAL A 325 4.42 13.42 -10.40
CA VAL A 325 3.85 12.73 -11.57
C VAL A 325 3.75 13.73 -12.74
N ALA A 326 3.96 13.22 -13.94
CA ALA A 326 3.82 14.00 -15.19
C ALA A 326 2.37 14.36 -15.56
CA IVA B 1 -11.04 2.69 3.34
CB IVA B 1 -10.93 4.21 3.49
CG1 IVA B 1 -12.16 4.83 2.82
CG2 IVA B 1 -10.83 4.68 4.94
C IVA B 1 -9.92 1.88 4.01
O IVA B 1 -9.83 1.80 5.23
N VAL B 2 -8.92 1.58 3.21
CA VAL B 2 -7.98 0.47 3.46
C VAL B 2 -6.76 0.96 4.26
N VAL B 3 -6.38 0.23 5.30
CA VAL B 3 -5.07 0.41 5.97
C VAL B 3 -4.37 -0.97 5.98
N STA B 4 -3.46 -1.22 5.06
CA STA B 4 -2.82 -2.53 4.87
CB STA B 4 -3.16 -2.99 3.45
CG STA B 4 -4.37 -3.90 3.15
CD1 STA B 4 -4.93 -3.50 1.79
CD2 STA B 4 -5.52 -3.91 4.13
CH STA B 4 -1.30 -2.39 5.04
OH STA B 4 -0.85 -1.47 4.04
CM STA B 4 -0.77 -1.97 6.42
C STA B 4 -0.82 -3.10 7.46
O STA B 4 -1.78 -3.19 8.19
N ALA B 5 0.18 -3.98 7.44
CA ALA B 5 0.37 -4.96 8.54
C ALA B 5 0.78 -4.33 9.86
N STA B 6 0.27 -4.90 10.96
CA STA B 6 0.41 -4.41 12.35
CB STA B 6 -0.99 -4.16 12.89
CG STA B 6 -1.47 -2.71 12.85
CD1 STA B 6 -2.99 -2.73 12.99
CD2 STA B 6 -1.08 -1.90 11.61
CH STA B 6 1.14 -5.35 13.34
OH STA B 6 0.72 -6.70 13.14
CM STA B 6 2.68 -5.24 13.37
C STA B 6 3.44 -5.99 12.28
O STA B 6 3.97 -7.08 12.60
OXT STA B 6 3.64 -5.40 11.20
#